data_7MZF
#
_entry.id   7MZF
#
_cell.length_a   83.919
_cell.length_b   147.665
_cell.length_c   146.099
_cell.angle_alpha   90.000
_cell.angle_beta   90.000
_cell.angle_gamma   90.000
#
_symmetry.space_group_name_H-M   'C 2 2 21'
#
loop_
_entity.id
_entity.type
_entity.pdbx_description
1 polymer 'Spike protein S1'
2 polymer 'PDI 37 heavy chain'
3 polymer 'PDI 37 light chain'
4 branched 2-acetamido-2-deoxy-beta-D-glucopyranose-(1-4)-[alpha-L-fucopyranose-(1-6)]2-acetamido-2-deoxy-beta-D-glucopyranose
5 non-polymer 'SULFATE ION'
6 non-polymer 'CHLORIDE ION'
7 non-polymer GLYCEROL
8 water water
#
loop_
_entity_poly.entity_id
_entity_poly.type
_entity_poly.pdbx_seq_one_letter_code
_entity_poly.pdbx_strand_id
1 'polypeptide(L)'
;NITNLCPFGEVFNATRFASVYAWNRKRISNCVADYSVLYNSASFSTFKCYGVSPTKLNDLCFTNVYADSFVIRGDEVRQI
APGQTGKIADYNYKLPDDFTGCVIAWNSNNLDSKVGGNYNYLYRLFRKSNLKPFERDISTEIYQAGSTPCNGVEGFNCYF
PLQSYGFQPTNGVGYQPYRVVVLSFELLHAPATVCGPGSHHHHHH
;
A
2 'polypeptide(L)'
;EVQLVESGGGLVQPGGSLRLSCAASEFIVSRNYMSWVRQAPGKGLEWVSVIYSGGTTYYADSVKGRFTISRDSSKNTLYL
QMNSLRAEDTAVYYCARDRGDYLFDYWGQGTLVTVSSASTKGPSVFPLAPSSKSTSGGTAALGCLVKDYFPEPVTVSWNS
GALTSGVHTFPAVLQSSGLYSLSSVVTVPSSSLGTQTYICNVNHKPSNTKVDKKVEPKSCDKTH
;
H
3 'polypeptide(L)'
;DIQMTQPPSPLFASVGDRVTITCRASQSISSWLAWYQQKPGKAPKLLIYKASSLESGVPSRFSGSGSETEFTLTISSLQP
DDFATYYCQQYNSYFPTFGQGTKVEIKRTVAAPSVFIFPPSDEQLKSGTASVVCLLNNFYPREAKVQWKVDNALQSGNSQ
ESVTEQDSKDSTYSLSSTLTLSKADYEKHKVYACEVTHQGLSSPVTKSFNRGEC
;
L
#
# COMPACT_ATOMS: atom_id res chain seq x y z
N ASN A 4 -47.80 20.52 -28.13
CA ASN A 4 -47.39 19.12 -27.96
C ASN A 4 -46.00 19.00 -27.30
N LEU A 5 -45.99 18.42 -26.10
CA LEU A 5 -44.83 18.48 -25.23
C LEU A 5 -43.70 17.60 -25.76
N CYS A 6 -42.48 17.95 -25.34
CA CYS A 6 -41.32 17.11 -25.60
C CYS A 6 -41.36 15.86 -24.74
N PRO A 7 -40.99 14.71 -25.31
CA PRO A 7 -41.08 13.43 -24.58
C PRO A 7 -39.98 13.23 -23.54
N PHE A 8 -39.78 14.23 -22.67
CA PHE A 8 -38.82 14.09 -21.57
C PHE A 8 -39.18 12.92 -20.67
N GLY A 9 -40.46 12.78 -20.32
CA GLY A 9 -40.89 11.67 -19.49
C GLY A 9 -40.46 10.33 -20.04
N GLU A 10 -40.44 10.18 -21.36
CA GLU A 10 -39.96 8.96 -21.99
C GLU A 10 -38.50 8.69 -21.67
N VAL A 11 -37.72 9.73 -21.35
CA VAL A 11 -36.31 9.56 -21.02
C VAL A 11 -36.10 9.44 -19.53
N PHE A 12 -36.65 10.39 -18.76
CA PHE A 12 -36.44 10.40 -17.33
C PHE A 12 -37.21 9.28 -16.63
N ASN A 13 -38.36 8.90 -17.18
CA ASN A 13 -39.25 7.93 -16.53
C ASN A 13 -39.22 6.57 -17.20
N ALA A 14 -38.32 6.33 -18.16
CA ALA A 14 -38.14 4.96 -18.63
C ALA A 14 -37.77 4.08 -17.44
N THR A 15 -38.26 2.85 -17.45
CA THR A 15 -38.03 1.97 -16.31
C THR A 15 -36.76 1.16 -16.44
N ARG A 16 -36.26 0.97 -17.65
CA ARG A 16 -34.93 0.42 -17.89
C ARG A 16 -34.02 1.53 -18.39
N PHE A 17 -32.82 1.62 -17.85
CA PHE A 17 -31.77 2.50 -18.39
C PHE A 17 -30.66 1.65 -19.00
N ALA A 18 -29.90 2.27 -19.89
CA ALA A 18 -28.78 1.60 -20.54
C ALA A 18 -27.55 1.54 -19.63
N SER A 19 -26.65 0.63 -19.95
CA SER A 19 -25.29 0.69 -19.39
C SER A 19 -24.56 1.89 -19.97
N VAL A 20 -23.65 2.46 -19.17
CA VAL A 20 -22.98 3.69 -19.56
C VAL A 20 -22.20 3.50 -20.86
N TYR A 21 -21.54 2.34 -21.02
CA TYR A 21 -20.77 2.13 -22.25
C TYR A 21 -21.67 2.11 -23.48
N ALA A 22 -22.94 1.72 -23.31
CA ALA A 22 -23.89 1.68 -24.41
C ALA A 22 -24.98 2.72 -24.19
N TRP A 23 -24.59 3.93 -23.83
CA TRP A 23 -25.56 4.94 -23.42
C TRP A 23 -26.62 5.14 -24.50
N ASN A 24 -27.86 5.35 -24.05
CA ASN A 24 -28.95 5.68 -24.96
C ASN A 24 -28.94 7.14 -25.34
N ARG A 25 -29.47 7.43 -26.53
CA ARG A 25 -29.66 8.81 -26.98
C ARG A 25 -31.02 8.92 -27.67
N LYS A 26 -31.87 9.76 -27.13
CA LYS A 26 -33.10 10.14 -27.82
C LYS A 26 -32.90 11.52 -28.43
N ARG A 27 -33.11 11.63 -29.73
CA ARG A 27 -33.05 12.90 -30.44
C ARG A 27 -34.43 13.57 -30.40
N ILE A 28 -34.50 14.73 -29.79
CA ILE A 28 -35.75 15.44 -29.53
C ILE A 28 -35.86 16.61 -30.49
N SER A 29 -37.05 16.81 -31.02
CA SER A 29 -37.27 17.84 -32.04
C SER A 29 -38.77 18.09 -32.18
N ASN A 30 -39.09 19.18 -32.87
CA ASN A 30 -40.46 19.53 -33.23
C ASN A 30 -41.43 19.33 -32.07
N CYS A 31 -41.14 20.02 -30.96
CA CYS A 31 -41.98 19.93 -29.78
C CYS A 31 -41.75 21.17 -28.93
N VAL A 32 -42.57 21.32 -27.90
CA VAL A 32 -42.43 22.38 -26.90
C VAL A 32 -42.00 21.73 -25.60
N ALA A 33 -40.95 22.28 -25.00
CA ALA A 33 -40.33 21.70 -23.82
C ALA A 33 -40.46 22.67 -22.66
N ASP A 34 -41.13 22.24 -21.60
CA ASP A 34 -41.06 22.95 -20.33
C ASP A 34 -39.93 22.33 -19.53
N TYR A 35 -38.81 23.04 -19.47
CA TYR A 35 -37.66 22.53 -18.73
C TYR A 35 -37.88 22.62 -17.23
N SER A 36 -38.51 23.69 -16.76
CA SER A 36 -38.70 23.81 -15.32
C SER A 36 -39.73 22.83 -14.76
N VAL A 37 -40.35 22.00 -15.60
CA VAL A 37 -40.95 20.77 -15.09
C VAL A 37 -39.89 19.93 -14.38
N LEU A 38 -38.76 19.71 -15.06
CA LEU A 38 -37.61 19.05 -14.44
C LEU A 38 -36.93 19.98 -13.45
N TYR A 39 -36.78 21.27 -13.82
CA TYR A 39 -36.04 22.20 -12.98
C TYR A 39 -36.67 22.34 -11.60
N ASN A 40 -38.01 22.30 -11.53
CA ASN A 40 -38.73 22.59 -10.30
C ASN A 40 -39.11 21.34 -9.51
N SER A 41 -38.98 20.14 -10.09
CA SER A 41 -39.43 18.94 -9.40
C SER A 41 -38.56 18.62 -8.18
N ALA A 42 -37.26 18.92 -8.25
CA ALA A 42 -36.36 18.72 -7.12
C ALA A 42 -36.32 17.24 -6.70
N SER A 43 -36.17 16.37 -7.69
CA SER A 43 -35.99 14.94 -7.47
C SER A 43 -34.55 14.51 -7.71
N PHE A 44 -33.69 15.41 -8.16
CA PHE A 44 -32.36 15.08 -8.65
C PHE A 44 -31.31 15.56 -7.67
N SER A 45 -30.41 14.64 -7.28
CA SER A 45 -29.24 15.02 -6.50
C SER A 45 -28.27 15.86 -7.30
N THR A 46 -28.36 15.83 -8.63
CA THR A 46 -27.51 16.67 -9.46
C THR A 46 -28.34 17.30 -10.57
N PHE A 47 -28.11 18.60 -10.78
CA PHE A 47 -28.68 19.37 -11.87
C PHE A 47 -27.76 20.52 -12.20
N LYS A 48 -26.70 20.25 -12.96
CA LYS A 48 -25.73 21.26 -13.36
C LYS A 48 -25.90 21.56 -14.84
N CYS A 49 -25.94 22.83 -15.21
CA CYS A 49 -26.06 23.22 -16.59
C CYS A 49 -24.82 23.99 -17.02
N TYR A 50 -24.51 23.93 -18.32
CA TYR A 50 -23.33 24.58 -18.86
C TYR A 50 -23.70 25.31 -20.15
N GLY A 51 -23.32 26.57 -20.24
CA GLY A 51 -23.63 27.38 -21.39
C GLY A 51 -25.06 27.87 -21.46
N VAL A 52 -25.87 27.60 -20.43
CA VAL A 52 -27.26 28.04 -20.42
C VAL A 52 -27.70 28.23 -18.97
N SER A 53 -28.59 29.20 -18.76
CA SER A 53 -29.19 29.42 -17.45
C SER A 53 -30.41 28.53 -17.31
N PRO A 54 -30.46 27.63 -16.32
CA PRO A 54 -31.58 26.67 -16.25
C PRO A 54 -32.95 27.32 -16.29
N THR A 55 -33.11 28.48 -15.66
CA THR A 55 -34.42 29.12 -15.62
C THR A 55 -34.79 29.74 -16.96
N LYS A 56 -33.82 30.41 -17.61
CA LYS A 56 -34.07 31.01 -18.91
C LYS A 56 -34.36 29.98 -19.99
N LEU A 57 -34.16 28.69 -19.71
CA LEU A 57 -34.30 27.67 -20.74
C LEU A 57 -35.67 27.69 -21.39
N ASN A 58 -36.71 28.06 -20.63
CA ASN A 58 -38.05 28.07 -21.19
C ASN A 58 -38.32 29.27 -22.09
N ASP A 59 -37.34 30.15 -22.27
CA ASP A 59 -37.41 31.23 -23.24
C ASP A 59 -36.63 30.92 -24.51
N LEU A 60 -35.90 29.81 -24.55
CA LEU A 60 -34.96 29.53 -25.62
C LEU A 60 -35.50 28.50 -26.58
N CYS A 61 -34.94 28.52 -27.79
CA CYS A 61 -35.22 27.57 -28.85
C CYS A 61 -33.91 26.94 -29.31
N PHE A 62 -33.98 25.69 -29.76
CA PHE A 62 -32.82 25.04 -30.34
C PHE A 62 -33.25 24.28 -31.57
N THR A 63 -32.31 24.12 -32.51
CA THR A 63 -32.56 23.27 -33.66
C THR A 63 -32.99 21.89 -33.21
N ASN A 64 -32.18 21.25 -32.37
CA ASN A 64 -32.48 19.93 -31.81
C ASN A 64 -31.94 19.85 -30.40
N VAL A 65 -32.54 18.98 -29.61
CA VAL A 65 -32.04 18.64 -28.28
C VAL A 65 -31.80 17.14 -28.23
N TYR A 66 -30.68 16.74 -27.64
CA TYR A 66 -30.34 15.34 -27.45
C TYR A 66 -30.38 15.00 -25.96
N ALA A 67 -31.06 13.91 -25.63
CA ALA A 67 -31.12 13.41 -24.26
C ALA A 67 -30.40 12.07 -24.21
N ASP A 68 -29.24 12.04 -23.56
CA ASP A 68 -28.49 10.82 -23.35
C ASP A 68 -28.75 10.33 -21.94
N SER A 69 -28.87 9.00 -21.78
CA SER A 69 -29.20 8.44 -20.47
C SER A 69 -28.45 7.13 -20.26
N PHE A 70 -28.18 6.82 -19.00
CA PHE A 70 -27.36 5.67 -18.61
C PHE A 70 -27.25 5.64 -17.08
N VAL A 71 -26.64 4.56 -16.58
CA VAL A 71 -26.45 4.36 -15.15
C VAL A 71 -24.95 4.28 -14.85
N ILE A 72 -24.51 5.00 -13.82
CA ILE A 72 -23.17 4.92 -13.30
C ILE A 72 -23.23 4.95 -11.77
N ARG A 73 -22.07 4.88 -11.14
CA ARG A 73 -21.98 5.01 -9.69
C ARG A 73 -22.16 6.46 -9.27
N GLY A 74 -22.70 6.64 -8.06
CA GLY A 74 -22.85 7.99 -7.53
C GLY A 74 -21.56 8.77 -7.54
N ASP A 75 -20.46 8.16 -7.08
CA ASP A 75 -19.20 8.88 -7.04
C ASP A 75 -18.54 8.99 -8.40
N GLU A 76 -19.17 8.51 -9.46
CA GLU A 76 -18.72 8.73 -10.82
C GLU A 76 -19.47 9.87 -11.52
N VAL A 77 -20.53 10.41 -10.89
CA VAL A 77 -21.30 11.47 -11.53
C VAL A 77 -20.43 12.71 -11.75
N ARG A 78 -19.37 12.88 -10.95
CA ARG A 78 -18.48 14.02 -11.17
C ARG A 78 -17.77 13.91 -12.52
N GLN A 79 -17.56 12.69 -13.02
CA GLN A 79 -16.92 12.53 -14.31
C GLN A 79 -17.80 12.95 -15.49
N ILE A 80 -19.10 13.13 -15.27
CA ILE A 80 -20.01 13.54 -16.37
C ILE A 80 -20.02 15.06 -16.38
N ALA A 81 -18.93 15.62 -16.90
CA ALA A 81 -18.79 17.08 -16.97
C ALA A 81 -17.68 17.40 -17.96
N PRO A 82 -17.71 18.59 -18.56
CA PRO A 82 -16.63 18.99 -19.46
C PRO A 82 -15.29 19.02 -18.75
N GLY A 83 -14.28 18.47 -19.42
CA GLY A 83 -12.91 18.54 -18.95
C GLY A 83 -12.53 17.50 -17.92
N GLN A 84 -13.24 16.38 -17.84
CA GLN A 84 -12.99 15.38 -16.82
C GLN A 84 -12.11 14.26 -17.35
N THR A 85 -11.56 13.48 -16.43
CA THR A 85 -10.79 12.29 -16.73
C THR A 85 -11.28 11.17 -15.82
N GLY A 86 -10.94 9.93 -16.20
CA GLY A 86 -11.36 8.77 -15.45
C GLY A 86 -11.97 7.70 -16.34
N LYS A 87 -12.10 6.49 -15.81
CA LYS A 87 -12.76 5.38 -16.47
C LYS A 87 -13.95 5.83 -17.32
N ILE A 88 -14.88 6.54 -16.71
CA ILE A 88 -16.11 6.90 -17.39
C ILE A 88 -15.85 7.98 -18.43
N ALA A 89 -15.26 9.09 -18.00
CA ALA A 89 -14.97 10.18 -18.94
C ALA A 89 -14.13 9.70 -20.12
N ASP A 90 -13.16 8.83 -19.86
CA ASP A 90 -12.19 8.47 -20.87
C ASP A 90 -12.70 7.35 -21.78
N TYR A 91 -13.34 6.34 -21.21
CA TYR A 91 -13.62 5.11 -21.93
C TYR A 91 -15.10 4.81 -22.12
N ASN A 92 -16.02 5.63 -21.61
CA ASN A 92 -17.43 5.29 -21.63
C ASN A 92 -18.31 6.40 -22.19
N TYR A 93 -18.27 7.59 -21.58
CA TYR A 93 -19.10 8.70 -22.02
C TYR A 93 -18.33 9.99 -21.79
N LYS A 94 -18.07 10.74 -22.86
CA LYS A 94 -17.16 11.88 -22.83
C LYS A 94 -17.88 13.14 -23.30
N LEU A 95 -17.95 14.15 -22.41
CA LEU A 95 -18.50 15.43 -22.86
C LEU A 95 -17.40 16.29 -23.47
N PRO A 96 -17.78 17.17 -24.40
CA PRO A 96 -16.80 18.10 -24.99
C PRO A 96 -16.47 19.25 -24.05
N ASP A 97 -15.29 19.84 -24.28
CA ASP A 97 -14.89 20.99 -23.48
C ASP A 97 -15.85 22.17 -23.66
N ASP A 98 -16.46 22.29 -24.84
CA ASP A 98 -17.39 23.39 -25.12
C ASP A 98 -18.84 22.89 -25.04
N PHE A 99 -19.17 22.29 -23.90
CA PHE A 99 -20.47 21.63 -23.75
C PHE A 99 -21.55 22.65 -23.42
N THR A 100 -22.61 22.66 -24.22
CA THR A 100 -23.81 23.45 -23.92
C THR A 100 -24.95 22.47 -23.64
N GLY A 101 -25.24 22.26 -22.36
CA GLY A 101 -26.34 21.40 -21.99
C GLY A 101 -26.45 21.32 -20.50
N CYS A 102 -27.19 20.31 -20.03
CA CYS A 102 -27.42 20.11 -18.61
C CYS A 102 -27.13 18.66 -18.24
N VAL A 103 -26.58 18.45 -17.05
CA VAL A 103 -26.28 17.12 -16.53
C VAL A 103 -27.19 16.88 -15.33
N ILE A 104 -28.05 15.87 -15.43
CA ILE A 104 -29.08 15.59 -14.44
C ILE A 104 -28.92 14.16 -13.95
N ALA A 105 -28.96 13.98 -12.63
CA ALA A 105 -28.73 12.66 -12.05
C ALA A 105 -29.59 12.50 -10.81
N TRP A 106 -29.84 11.25 -10.44
CA TRP A 106 -30.57 10.96 -9.21
C TRP A 106 -30.27 9.54 -8.76
N ASN A 107 -30.32 9.33 -7.45
CA ASN A 107 -30.06 8.01 -6.90
C ASN A 107 -31.15 7.04 -7.31
N SER A 108 -30.74 5.87 -7.83
CA SER A 108 -31.67 4.86 -8.30
C SER A 108 -31.39 3.50 -7.66
N ASN A 109 -30.96 3.50 -6.40
CA ASN A 109 -30.70 2.23 -5.71
C ASN A 109 -31.95 1.36 -5.65
N ASN A 110 -33.11 1.96 -5.38
CA ASN A 110 -34.35 1.18 -5.30
C ASN A 110 -34.57 0.35 -6.56
N LEU A 111 -34.47 0.97 -7.73
CA LEU A 111 -34.74 0.26 -8.97
C LEU A 111 -33.56 -0.59 -9.44
N ASP A 112 -32.33 -0.15 -9.20
CA ASP A 112 -31.18 -0.71 -9.89
C ASP A 112 -30.31 -1.65 -9.04
N SER A 113 -30.39 -1.59 -7.72
CA SER A 113 -29.62 -2.53 -6.91
C SER A 113 -30.38 -3.85 -6.76
N LYS A 114 -29.74 -4.93 -7.17
CA LYS A 114 -30.28 -6.28 -7.10
C LYS A 114 -29.49 -7.06 -6.06
N VAL A 115 -30.19 -7.84 -5.23
CA VAL A 115 -29.47 -8.63 -4.25
C VAL A 115 -28.59 -9.65 -4.94
N GLY A 116 -27.40 -9.87 -4.38
CA GLY A 116 -26.41 -10.71 -5.03
C GLY A 116 -25.72 -10.09 -6.22
N GLY A 117 -26.04 -8.84 -6.54
CA GLY A 117 -25.38 -8.16 -7.64
C GLY A 117 -26.21 -8.07 -8.90
N ASN A 118 -26.48 -6.84 -9.35
CA ASN A 118 -27.17 -6.61 -10.62
C ASN A 118 -26.10 -6.54 -11.71
N TYR A 119 -25.92 -7.66 -12.43
CA TYR A 119 -24.86 -7.77 -13.41
C TYR A 119 -25.32 -7.43 -14.82
N ASN A 120 -26.40 -6.65 -14.96
CA ASN A 120 -26.81 -6.13 -16.25
C ASN A 120 -26.18 -4.78 -16.56
N TYR A 121 -25.77 -4.03 -15.55
CA TYR A 121 -25.15 -2.73 -15.74
C TYR A 121 -23.63 -2.90 -15.81
N LEU A 122 -23.04 -2.49 -16.93
CA LEU A 122 -21.62 -2.64 -17.17
C LEU A 122 -20.98 -1.29 -17.46
N TYR A 123 -19.65 -1.27 -17.37
CA TYR A 123 -18.85 -0.17 -17.88
C TYR A 123 -17.65 -0.73 -18.63
N ARG A 124 -17.13 0.04 -19.58
CA ARG A 124 -15.91 -0.34 -20.26
C ARG A 124 -14.71 -0.04 -19.38
N LEU A 125 -13.87 -1.05 -19.16
CA LEU A 125 -12.72 -0.97 -18.28
C LEU A 125 -11.40 -0.83 -19.03
N PHE A 126 -11.23 -1.54 -20.14
CA PHE A 126 -10.03 -1.48 -20.95
C PHE A 126 -10.33 -0.79 -22.27
N ARG A 127 -9.45 0.12 -22.68
CA ARG A 127 -9.55 0.74 -23.99
C ARG A 127 -8.22 1.40 -24.31
N LYS A 128 -7.75 1.23 -25.53
CA LYS A 128 -6.43 1.74 -25.89
C LYS A 128 -6.38 3.27 -25.82
N SER A 129 -7.47 3.95 -26.15
CA SER A 129 -7.46 5.40 -26.30
C SER A 129 -8.74 6.00 -25.74
N ASN A 130 -8.65 7.28 -25.37
CA ASN A 130 -9.81 8.00 -24.86
C ASN A 130 -10.89 8.17 -25.93
N LEU A 131 -12.14 8.14 -25.49
CA LEU A 131 -13.25 8.39 -26.39
C LEU A 131 -13.23 9.82 -26.89
N LYS A 132 -13.62 9.99 -28.15
CA LYS A 132 -14.00 11.31 -28.62
C LYS A 132 -15.31 11.72 -27.96
N PRO A 133 -15.55 13.01 -27.80
CA PRO A 133 -16.82 13.45 -27.19
C PRO A 133 -18.02 12.90 -27.95
N PHE A 134 -19.00 12.42 -27.19
CA PHE A 134 -20.24 11.87 -27.75
C PHE A 134 -19.98 10.64 -28.62
N GLU A 135 -18.90 9.92 -28.32
CA GLU A 135 -18.65 8.64 -28.95
C GLU A 135 -19.27 7.52 -28.12
N ARG A 136 -19.94 6.59 -28.80
N ARG A 136 -19.89 6.57 -28.80
CA ARG A 136 -20.47 5.37 -28.18
CA ARG A 136 -20.47 5.38 -28.19
C ARG A 136 -19.68 4.19 -28.72
C ARG A 136 -19.71 4.17 -28.72
N ASP A 137 -18.98 3.50 -27.83
CA ASP A 137 -18.19 2.33 -28.19
C ASP A 137 -18.84 1.10 -27.56
N ILE A 138 -19.40 0.23 -28.40
CA ILE A 138 -20.06 -0.98 -27.91
C ILE A 138 -19.27 -2.24 -28.26
N SER A 139 -18.03 -2.08 -28.73
CA SER A 139 -17.19 -3.24 -29.02
C SER A 139 -17.13 -4.18 -27.82
N THR A 140 -17.10 -5.48 -28.11
CA THR A 140 -16.80 -6.51 -27.12
C THR A 140 -15.54 -7.28 -27.47
N GLU A 141 -14.76 -6.79 -28.44
CA GLU A 141 -13.50 -7.43 -28.78
C GLU A 141 -12.70 -7.70 -27.52
N ILE A 142 -11.97 -8.81 -27.50
CA ILE A 142 -11.16 -9.12 -26.34
C ILE A 142 -9.95 -8.19 -26.34
N TYR A 143 -9.73 -7.53 -25.20
CA TYR A 143 -8.69 -6.51 -25.12
C TYR A 143 -7.34 -7.18 -24.91
N GLN A 144 -6.37 -6.83 -25.76
CA GLN A 144 -5.05 -7.44 -25.74
C GLN A 144 -4.11 -6.55 -24.94
N ALA A 145 -3.79 -6.97 -23.72
CA ALA A 145 -2.89 -6.25 -22.84
C ALA A 145 -1.43 -6.69 -22.98
N GLY A 146 -1.18 -7.75 -23.74
CA GLY A 146 0.18 -8.24 -23.94
C GLY A 146 0.60 -8.20 -25.39
N SER A 147 1.71 -8.87 -25.70
CA SER A 147 2.18 -8.95 -27.08
C SER A 147 1.62 -10.16 -27.81
N THR A 148 0.99 -11.08 -27.09
CA THR A 148 0.36 -12.25 -27.70
C THR A 148 -1.04 -11.88 -28.15
N PRO A 149 -1.34 -11.87 -29.46
CA PRO A 149 -2.71 -11.63 -29.90
C PRO A 149 -3.68 -12.62 -29.29
N CYS A 150 -4.86 -12.12 -28.94
CA CYS A 150 -5.83 -12.91 -28.18
C CYS A 150 -6.66 -13.83 -29.07
N ASN A 151 -6.92 -13.43 -30.30
CA ASN A 151 -7.76 -14.21 -31.20
C ASN A 151 -9.08 -14.57 -30.52
N GLY A 152 -9.75 -13.54 -30.00
CA GLY A 152 -11.08 -13.69 -29.42
C GLY A 152 -11.23 -14.66 -28.27
N VAL A 153 -10.12 -15.15 -27.71
CA VAL A 153 -10.18 -16.05 -26.56
C VAL A 153 -9.66 -15.29 -25.33
N GLU A 154 -10.47 -15.29 -24.28
CA GLU A 154 -10.05 -14.69 -23.02
C GLU A 154 -8.88 -15.47 -22.44
N GLY A 155 -8.26 -14.89 -21.42
CA GLY A 155 -7.10 -15.48 -20.79
C GLY A 155 -6.21 -14.40 -20.22
N PHE A 156 -5.08 -14.84 -19.67
CA PHE A 156 -4.13 -13.90 -19.10
C PHE A 156 -3.66 -12.92 -20.17
N ASN A 157 -3.79 -11.62 -19.87
CA ASN A 157 -3.44 -10.54 -20.78
C ASN A 157 -4.41 -10.43 -21.95
N CYS A 158 -5.61 -10.99 -21.79
CA CYS A 158 -6.60 -11.13 -22.87
C CYS A 158 -7.98 -10.99 -22.22
N TYR A 159 -8.40 -9.75 -22.01
CA TYR A 159 -9.49 -9.44 -21.10
C TYR A 159 -10.72 -8.97 -21.87
N PHE A 160 -11.86 -9.56 -21.53
CA PHE A 160 -13.13 -9.00 -21.93
C PHE A 160 -13.18 -7.53 -21.50
N PRO A 161 -13.46 -6.61 -22.43
CA PRO A 161 -13.22 -5.19 -22.13
C PRO A 161 -14.21 -4.58 -21.17
N LEU A 162 -15.26 -5.30 -20.78
CA LEU A 162 -16.33 -4.73 -19.98
C LEU A 162 -16.32 -5.34 -18.58
N GLN A 163 -16.63 -4.51 -17.59
CA GLN A 163 -16.77 -4.96 -16.21
C GLN A 163 -18.18 -4.68 -15.74
N SER A 164 -18.69 -5.56 -14.90
CA SER A 164 -20.00 -5.33 -14.31
C SER A 164 -19.86 -4.46 -13.07
N TYR A 165 -20.85 -3.60 -12.85
CA TYR A 165 -20.92 -2.87 -11.60
C TYR A 165 -21.30 -3.79 -10.46
N GLY A 166 -22.13 -4.79 -10.74
CA GLY A 166 -22.66 -5.64 -9.68
C GLY A 166 -23.37 -4.84 -8.61
N PHE A 167 -24.18 -3.86 -9.02
CA PHE A 167 -24.88 -3.03 -8.04
C PHE A 167 -25.60 -3.89 -7.03
N GLN A 168 -25.27 -3.69 -5.77
CA GLN A 168 -25.75 -4.49 -4.66
C GLN A 168 -26.31 -3.58 -3.59
N PRO A 169 -27.19 -4.09 -2.74
CA PRO A 169 -27.53 -3.35 -1.52
C PRO A 169 -26.27 -3.07 -0.72
N THR A 170 -25.94 -1.79 -0.62
CA THR A 170 -24.71 -1.35 0.02
C THR A 170 -25.02 -0.05 0.74
N ASN A 171 -24.43 0.14 1.91
CA ASN A 171 -24.64 1.39 2.60
C ASN A 171 -23.67 2.48 2.17
N GLY A 172 -22.74 2.15 1.26
CA GLY A 172 -21.92 3.17 0.64
C GLY A 172 -22.68 3.86 -0.48
N VAL A 173 -23.01 5.13 -0.29
CA VAL A 173 -23.80 5.86 -1.29
C VAL A 173 -23.05 5.96 -2.61
N GLY A 174 -21.75 6.28 -2.55
CA GLY A 174 -20.98 6.43 -3.77
C GLY A 174 -20.97 5.17 -4.63
N TYR A 175 -21.11 4.01 -4.00
CA TYR A 175 -21.10 2.75 -4.74
C TYR A 175 -22.46 2.40 -5.32
N GLN A 176 -23.50 3.14 -4.96
CA GLN A 176 -24.85 2.87 -5.40
C GLN A 176 -25.11 3.45 -6.80
N PRO A 177 -26.01 2.83 -7.56
CA PRO A 177 -26.23 3.30 -8.94
C PRO A 177 -27.02 4.60 -8.98
N TYR A 178 -26.63 5.47 -9.90
CA TYR A 178 -27.39 6.68 -10.21
C TYR A 178 -27.78 6.65 -11.67
N ARG A 179 -28.99 7.10 -11.95
CA ARG A 179 -29.42 7.28 -13.32
C ARG A 179 -29.09 8.70 -13.74
N VAL A 180 -28.56 8.84 -14.95
CA VAL A 180 -28.06 10.11 -15.45
C VAL A 180 -28.77 10.45 -16.75
N VAL A 181 -29.19 11.71 -16.88
CA VAL A 181 -29.69 12.24 -18.14
C VAL A 181 -28.85 13.46 -18.49
N VAL A 182 -28.27 13.44 -19.68
CA VAL A 182 -27.49 14.56 -20.19
C VAL A 182 -28.28 15.19 -21.33
N LEU A 183 -28.57 16.48 -21.21
CA LEU A 183 -29.26 17.23 -22.24
C LEU A 183 -28.24 18.06 -23.00
N SER A 184 -28.16 17.86 -24.32
CA SER A 184 -27.35 18.70 -25.20
C SER A 184 -28.26 19.58 -26.02
N PHE A 185 -27.85 20.83 -26.23
CA PHE A 185 -28.65 21.81 -26.93
C PHE A 185 -27.91 22.17 -28.22
N GLU A 186 -28.51 21.80 -29.35
CA GLU A 186 -27.92 22.00 -30.67
C GLU A 186 -28.56 23.22 -31.35
N LEU A 187 -27.72 24.11 -31.88
CA LEU A 187 -28.19 25.31 -32.56
C LEU A 187 -27.51 25.40 -33.92
N LEU A 188 -28.22 25.00 -34.97
CA LEU A 188 -27.70 25.03 -36.32
C LEU A 188 -28.45 26.04 -37.18
N HIS A 189 -27.88 26.35 -38.34
CA HIS A 189 -28.54 27.19 -39.32
C HIS A 189 -29.70 26.45 -39.98
N ALA A 190 -30.69 26.10 -39.17
CA ALA A 190 -31.90 25.44 -39.65
C ALA A 190 -33.05 25.84 -38.77
N PRO A 191 -34.27 25.42 -39.07
CA PRO A 191 -35.40 25.73 -38.19
C PRO A 191 -35.13 25.29 -36.76
N ALA A 192 -35.62 26.08 -35.81
CA ALA A 192 -35.47 25.79 -34.38
C ALA A 192 -36.76 25.11 -33.91
N THR A 193 -36.76 23.77 -33.94
CA THR A 193 -37.97 23.00 -33.72
C THR A 193 -38.22 22.67 -32.24
N VAL A 194 -37.31 22.99 -31.33
CA VAL A 194 -37.47 22.66 -29.92
C VAL A 194 -37.48 23.97 -29.15
N CYS A 195 -38.67 24.44 -28.79
CA CYS A 195 -38.82 25.74 -28.15
C CYS A 195 -39.43 25.60 -26.76
N GLY A 196 -39.12 26.59 -25.92
CA GLY A 196 -39.69 26.68 -24.60
C GLY A 196 -41.09 27.23 -24.65
N PRO A 197 -41.69 27.38 -23.47
CA PRO A 197 -43.01 28.02 -23.41
C PRO A 197 -43.00 29.44 -23.94
N GLY A 198 -42.03 30.26 -23.51
CA GLY A 198 -41.95 31.63 -23.97
C GLY A 198 -41.14 31.76 -25.26
N SER A 199 -41.75 32.39 -26.26
CA SER A 199 -41.07 32.66 -27.53
C SER A 199 -41.75 33.81 -28.26
N GLU B 1 9.34 -14.81 -19.51
CA GLU B 1 8.06 -14.59 -20.18
C GLU B 1 7.56 -13.18 -19.91
N VAL B 2 6.64 -13.06 -18.96
CA VAL B 2 6.16 -11.75 -18.53
C VAL B 2 7.09 -11.22 -17.45
N GLN B 3 7.40 -9.93 -17.52
CA GLN B 3 8.40 -9.37 -16.62
C GLN B 3 8.17 -7.88 -16.41
N LEU B 4 8.48 -7.44 -15.19
CA LEU B 4 8.57 -6.02 -14.84
C LEU B 4 9.85 -5.83 -14.03
N VAL B 5 10.77 -5.00 -14.54
CA VAL B 5 12.10 -4.83 -13.94
C VAL B 5 12.34 -3.36 -13.67
N GLU B 6 12.42 -2.99 -12.39
CA GLU B 6 12.69 -1.62 -11.98
C GLU B 6 14.19 -1.36 -11.89
N SER B 7 14.56 -0.11 -12.10
CA SER B 7 15.93 0.34 -11.87
C SER B 7 15.89 1.86 -11.71
N GLY B 8 17.04 2.44 -11.39
CA GLY B 8 17.15 3.85 -11.14
C GLY B 8 17.19 4.22 -9.68
N GLY B 9 16.93 3.26 -8.79
CA GLY B 9 16.93 3.56 -7.37
C GLY B 9 18.33 3.74 -6.82
N GLY B 10 18.40 4.40 -5.66
CA GLY B 10 19.68 4.60 -5.00
C GLY B 10 19.56 5.66 -3.94
N LEU B 11 20.73 6.17 -3.53
CA LEU B 11 20.85 7.14 -2.44
C LEU B 11 20.86 8.56 -2.98
N VAL B 12 20.08 9.44 -2.36
CA VAL B 12 19.89 10.81 -2.83
C VAL B 12 19.60 11.68 -1.61
N GLN B 13 20.03 12.96 -1.68
CA GLN B 13 19.82 13.87 -0.56
C GLN B 13 18.45 14.54 -0.66
N PRO B 14 17.86 14.95 0.45
CA PRO B 14 16.62 15.72 0.39
C PRO B 14 16.74 16.89 -0.57
N GLY B 15 15.65 17.18 -1.27
CA GLY B 15 15.67 18.17 -2.34
C GLY B 15 16.17 17.66 -3.66
N GLY B 16 16.80 16.48 -3.69
CA GLY B 16 17.34 15.94 -4.92
C GLY B 16 16.28 15.36 -5.82
N SER B 17 16.75 14.74 -6.90
CA SER B 17 15.87 14.15 -7.90
C SER B 17 16.37 12.77 -8.26
N LEU B 18 15.48 11.99 -8.86
CA LEU B 18 15.76 10.62 -9.23
C LEU B 18 14.66 10.19 -10.20
N ARG B 19 15.05 9.52 -11.28
CA ARG B 19 14.08 9.00 -12.24
C ARG B 19 14.09 7.49 -12.19
N LEU B 20 12.98 6.92 -11.75
CA LEU B 20 12.81 5.48 -11.74
C LEU B 20 12.39 4.98 -13.12
N SER B 21 12.68 3.70 -13.37
CA SER B 21 12.51 3.10 -14.67
C SER B 21 12.00 1.67 -14.49
N CYS B 22 11.07 1.28 -15.37
CA CYS B 22 10.46 -0.04 -15.32
C CYS B 22 10.40 -0.58 -16.75
N ALA B 23 11.27 -1.54 -17.05
CA ALA B 23 11.29 -2.17 -18.36
C ALA B 23 10.40 -3.41 -18.33
N ALA B 24 9.38 -3.43 -19.20
CA ALA B 24 8.42 -4.52 -19.23
C ALA B 24 8.70 -5.46 -20.41
N SER B 25 8.20 -6.69 -20.28
CA SER B 25 8.23 -7.67 -21.35
C SER B 25 6.90 -8.42 -21.42
N GLU B 26 6.47 -8.70 -22.65
CA GLU B 26 5.17 -9.29 -23.00
C GLU B 26 4.02 -8.39 -22.57
N PHE B 27 4.12 -7.75 -21.41
CA PHE B 27 3.26 -6.62 -21.11
C PHE B 27 3.58 -5.48 -22.06
N ILE B 28 2.55 -4.85 -22.61
CA ILE B 28 2.71 -3.63 -23.39
C ILE B 28 2.29 -2.47 -22.49
N VAL B 29 3.27 -1.65 -22.10
CA VAL B 29 3.04 -0.60 -21.10
C VAL B 29 1.92 0.33 -21.54
N SER B 30 1.93 0.74 -22.82
CA SER B 30 1.01 1.75 -23.32
C SER B 30 -0.41 1.24 -23.46
N ARG B 31 -0.67 -0.04 -23.23
CA ARG B 31 -2.02 -0.59 -23.30
C ARG B 31 -2.58 -0.99 -21.94
N ASN B 32 -1.82 -0.77 -20.87
CA ASN B 32 -2.21 -1.21 -19.54
C ASN B 32 -2.35 -0.02 -18.60
N TYR B 33 -3.07 -0.24 -17.50
CA TYR B 33 -2.94 0.61 -16.33
C TYR B 33 -1.62 0.25 -15.68
N MET B 34 -0.66 1.18 -15.68
CA MET B 34 0.63 0.97 -15.06
C MET B 34 0.75 1.84 -13.82
N SER B 35 1.19 1.23 -12.72
CA SER B 35 1.23 1.88 -11.42
C SER B 35 2.62 1.83 -10.81
N TRP B 36 2.87 2.76 -9.88
CA TRP B 36 3.97 2.66 -8.94
C TRP B 36 3.39 2.56 -7.53
N VAL B 37 3.83 1.55 -6.78
CA VAL B 37 3.47 1.40 -5.38
C VAL B 37 4.76 1.28 -4.58
N ARG B 38 4.79 1.90 -3.40
CA ARG B 38 6.01 1.93 -2.62
C ARG B 38 5.79 1.35 -1.24
N GLN B 39 6.89 0.99 -0.60
CA GLN B 39 6.86 0.37 0.73
C GLN B 39 8.04 0.92 1.52
N ALA B 40 7.74 1.72 2.55
CA ALA B 40 8.77 2.17 3.47
C ALA B 40 9.29 0.98 4.26
N PRO B 41 10.55 1.01 4.67
CA PRO B 41 11.13 -0.17 5.35
C PRO B 41 10.31 -0.55 6.57
N GLY B 42 9.89 -1.82 6.63
CA GLY B 42 9.09 -2.31 7.74
C GLY B 42 7.68 -1.74 7.83
N LYS B 43 7.28 -0.92 6.87
CA LYS B 43 5.95 -0.34 6.87
C LYS B 43 5.07 -1.09 5.87
N GLY B 44 3.91 -0.52 5.55
CA GLY B 44 2.96 -1.13 4.64
C GLY B 44 3.15 -0.63 3.22
N LEU B 45 2.08 -0.77 2.43
CA LEU B 45 2.09 -0.42 1.01
C LEU B 45 1.33 0.87 0.77
N GLU B 46 1.85 1.69 -0.13
CA GLU B 46 1.26 2.99 -0.46
C GLU B 46 1.29 3.15 -1.97
N TRP B 47 0.11 3.20 -2.59
CA TRP B 47 0.04 3.48 -4.02
C TRP B 47 0.50 4.90 -4.30
N VAL B 48 1.29 5.06 -5.37
CA VAL B 48 1.94 6.32 -5.70
C VAL B 48 1.26 7.00 -6.87
N SER B 49 1.14 6.30 -8.00
CA SER B 49 0.71 6.95 -9.24
C SER B 49 0.22 5.89 -10.22
N VAL B 50 -0.64 6.33 -11.14
CA VAL B 50 -1.15 5.49 -12.22
C VAL B 50 -1.10 6.28 -13.52
N ILE B 51 -0.88 5.56 -14.62
CA ILE B 51 -1.06 6.12 -15.95
C ILE B 51 -1.98 5.17 -16.72
N TYR B 52 -3.15 5.68 -17.12
CA TYR B 52 -4.07 4.94 -17.97
C TYR B 52 -3.46 4.74 -19.35
N SER B 53 -3.91 3.68 -20.05
CA SER B 53 -3.45 3.51 -21.42
C SER B 53 -3.85 4.72 -22.28
N GLY B 54 -5.04 5.27 -22.03
CA GLY B 54 -5.51 6.45 -22.73
C GLY B 54 -4.82 7.75 -22.36
N GLY B 55 -3.95 7.76 -21.34
CA GLY B 55 -3.19 8.97 -21.05
C GLY B 55 -3.39 9.54 -19.67
N THR B 56 -4.60 9.44 -19.14
CA THR B 56 -4.91 9.97 -17.83
C THR B 56 -3.93 9.45 -16.79
N THR B 57 -3.53 10.31 -15.85
CA THR B 57 -2.64 9.95 -14.75
C THR B 57 -3.17 10.49 -13.43
N TYR B 58 -2.88 9.75 -12.35
CA TYR B 58 -3.28 10.14 -11.01
C TYR B 58 -2.11 9.95 -10.05
N TYR B 59 -2.18 10.66 -8.93
CA TYR B 59 -1.10 10.65 -7.95
C TYR B 59 -1.65 10.66 -6.53
N ALA B 60 -0.96 9.93 -5.65
CA ALA B 60 -1.20 10.11 -4.22
C ALA B 60 -0.96 11.56 -3.85
N ASP B 61 -1.76 12.06 -2.91
CA ASP B 61 -1.60 13.44 -2.47
C ASP B 61 -0.21 13.69 -1.88
N SER B 62 0.43 12.67 -1.31
CA SER B 62 1.74 12.83 -0.72
C SER B 62 2.83 13.12 -1.75
N VAL B 63 2.56 12.96 -3.04
CA VAL B 63 3.56 13.18 -4.08
C VAL B 63 3.09 14.16 -5.14
N LYS B 64 1.87 14.71 -5.02
CA LYS B 64 1.39 15.65 -6.02
C LYS B 64 2.34 16.84 -6.11
N GLY B 65 2.56 17.33 -7.34
CA GLY B 65 3.46 18.44 -7.56
C GLY B 65 4.92 18.08 -7.61
N ARG B 66 5.31 16.90 -7.12
CA ARG B 66 6.70 16.51 -7.03
C ARG B 66 7.06 15.32 -7.92
N PHE B 67 6.18 14.35 -8.06
CA PHE B 67 6.44 13.18 -8.89
C PHE B 67 5.67 13.32 -10.19
N THR B 68 6.17 12.65 -11.22
CA THR B 68 5.54 12.64 -12.54
C THR B 68 5.71 11.27 -13.15
N ILE B 69 4.59 10.61 -13.45
CA ILE B 69 4.63 9.31 -14.10
C ILE B 69 4.58 9.52 -15.60
N SER B 70 5.23 8.62 -16.34
CA SER B 70 5.29 8.72 -17.80
C SER B 70 5.74 7.37 -18.35
N ARG B 71 5.77 7.28 -19.67
CA ARG B 71 6.10 6.03 -20.34
C ARG B 71 6.67 6.32 -21.71
N ASP B 72 7.48 5.39 -22.21
CA ASP B 72 8.00 5.42 -23.57
C ASP B 72 7.59 4.12 -24.24
N SER B 73 6.58 4.18 -25.11
CA SER B 73 6.12 2.96 -25.76
C SER B 73 7.09 2.47 -26.84
N SER B 74 7.99 3.34 -27.32
CA SER B 74 9.07 2.85 -28.15
C SER B 74 9.94 1.85 -27.38
N LYS B 75 10.15 2.09 -26.09
CA LYS B 75 11.01 1.23 -25.27
C LYS B 75 10.22 0.31 -24.33
N ASN B 76 8.89 0.30 -24.43
CA ASN B 76 8.04 -0.50 -23.54
C ASN B 76 8.47 -0.31 -22.09
N THR B 77 8.51 0.95 -21.66
CA THR B 77 9.12 1.34 -20.40
C THR B 77 8.21 2.32 -19.68
N LEU B 78 8.05 2.12 -18.37
CA LEU B 78 7.38 3.06 -17.50
C LEU B 78 8.42 3.84 -16.69
N TYR B 79 8.13 5.12 -16.44
CA TYR B 79 9.03 6.01 -15.72
C TYR B 79 8.33 6.62 -14.51
N LEU B 80 9.15 7.02 -13.54
CA LEU B 80 8.68 7.85 -12.43
C LEU B 80 9.75 8.88 -12.15
N GLN B 81 9.44 10.14 -12.44
CA GLN B 81 10.34 11.25 -12.16
C GLN B 81 10.01 11.80 -10.78
N MET B 82 10.95 11.66 -9.84
CA MET B 82 10.75 12.13 -8.48
C MET B 82 11.61 13.37 -8.23
N ASN B 83 10.95 14.51 -8.00
CA ASN B 83 11.60 15.76 -7.69
C ASN B 83 11.37 16.13 -6.24
N SER B 84 12.22 17.03 -5.73
CA SER B 84 12.03 17.58 -4.38
C SER B 84 11.85 16.47 -3.36
N LEU B 85 12.71 15.45 -3.45
CA LEU B 85 12.55 14.29 -2.60
C LEU B 85 12.70 14.67 -1.13
N ARG B 86 11.88 14.04 -0.30
CA ARG B 86 11.98 14.18 1.15
C ARG B 86 12.40 12.83 1.73
N ALA B 87 12.84 12.87 2.99
CA ALA B 87 13.27 11.64 3.64
C ALA B 87 12.13 10.64 3.75
N GLU B 88 10.89 11.12 3.93
CA GLU B 88 9.74 10.24 4.02
C GLU B 88 9.47 9.48 2.72
N ASP B 89 10.08 9.87 1.61
CA ASP B 89 9.95 9.12 0.36
C ASP B 89 10.82 7.88 0.31
N THR B 90 11.58 7.60 1.37
CA THR B 90 12.42 6.42 1.39
C THR B 90 11.56 5.17 1.40
N ALA B 91 11.75 4.31 0.40
CA ALA B 91 10.90 3.15 0.25
C ALA B 91 11.44 2.28 -0.88
N VAL B 92 10.96 1.05 -0.92
CA VAL B 92 11.09 0.24 -2.13
C VAL B 92 9.96 0.64 -3.05
N TYR B 93 10.30 1.04 -4.27
CA TYR B 93 9.31 1.43 -5.27
C TYR B 93 9.04 0.25 -6.18
N TYR B 94 7.78 -0.19 -6.21
CA TYR B 94 7.34 -1.30 -7.03
C TYR B 94 6.64 -0.79 -8.27
N CYS B 95 6.95 -1.41 -9.39
CA CYS B 95 6.22 -1.26 -10.63
C CYS B 95 5.19 -2.38 -10.72
N ALA B 96 3.94 -2.01 -10.91
CA ALA B 96 2.89 -3.02 -10.91
C ALA B 96 1.92 -2.79 -12.07
N ARG B 97 1.57 -3.88 -12.75
CA ARG B 97 0.51 -3.82 -13.74
C ARG B 97 -0.83 -3.75 -13.00
N ASP B 98 -1.58 -2.69 -13.23
CA ASP B 98 -2.90 -2.52 -12.65
C ASP B 98 -3.93 -3.12 -13.61
N ARG B 99 -4.53 -4.24 -13.23
CA ARG B 99 -5.51 -4.92 -14.06
C ARG B 99 -6.90 -4.28 -14.01
N GLY B 100 -6.97 -2.96 -13.92
CA GLY B 100 -8.23 -2.26 -13.88
C GLY B 100 -8.73 -1.98 -12.48
N ASP B 101 -8.93 -0.70 -12.17
CA ASP B 101 -9.53 -0.26 -10.91
C ASP B 101 -8.57 -0.43 -9.73
N TYR B 102 -7.26 -0.29 -9.99
CA TYR B 102 -6.22 -0.45 -8.95
C TYR B 102 -6.22 -1.87 -8.39
N LEU B 103 -6.21 -2.85 -9.28
CA LEU B 103 -6.03 -4.25 -8.91
C LEU B 103 -4.66 -4.67 -9.43
N PHE B 104 -3.67 -4.72 -8.55
CA PHE B 104 -2.27 -4.93 -8.95
C PHE B 104 -1.99 -6.42 -8.93
N ASP B 105 -2.14 -7.06 -10.09
CA ASP B 105 -1.98 -8.51 -10.18
C ASP B 105 -0.57 -8.95 -10.59
N TYR B 106 0.33 -8.01 -10.90
CA TYR B 106 1.71 -8.38 -11.17
C TYR B 106 2.63 -7.25 -10.72
N TRP B 107 3.58 -7.57 -9.84
CA TRP B 107 4.53 -6.61 -9.31
C TRP B 107 5.94 -6.97 -9.74
N GLY B 108 6.67 -5.99 -10.25
CA GLY B 108 8.11 -6.10 -10.30
C GLY B 108 8.66 -6.30 -8.89
N GLN B 109 9.95 -6.60 -8.83
CA GLN B 109 10.53 -6.89 -7.52
C GLN B 109 10.92 -5.62 -6.76
N GLY B 110 11.05 -4.48 -7.44
CA GLY B 110 11.19 -3.21 -6.77
C GLY B 110 12.64 -2.71 -6.76
N THR B 111 12.77 -1.40 -6.56
CA THR B 111 14.07 -0.73 -6.47
C THR B 111 14.04 0.23 -5.28
N LEU B 112 15.06 0.16 -4.44
CA LEU B 112 15.04 0.93 -3.21
C LEU B 112 15.54 2.35 -3.45
N VAL B 113 14.91 3.30 -2.77
CA VAL B 113 15.27 4.71 -2.83
C VAL B 113 15.48 5.19 -1.40
N THR B 114 16.71 5.56 -1.06
CA THR B 114 17.01 6.14 0.24
C THR B 114 17.23 7.63 0.07
N VAL B 115 16.37 8.42 0.72
CA VAL B 115 16.54 9.87 0.78
C VAL B 115 17.07 10.22 2.17
N SER B 116 18.27 10.81 2.20
CA SER B 116 18.89 11.15 3.47
C SER B 116 19.91 12.26 3.27
N SER B 117 20.11 13.03 4.32
CA SER B 117 21.17 14.03 4.36
C SER B 117 22.40 13.55 5.10
N ALA B 118 22.35 12.33 5.64
CA ALA B 118 23.49 11.82 6.40
C ALA B 118 24.72 11.69 5.51
N SER B 119 25.88 11.83 6.12
CA SER B 119 27.14 11.58 5.45
C SER B 119 27.52 10.12 5.60
N THR B 120 28.15 9.58 4.59
CA THR B 120 28.67 8.22 4.70
C THR B 120 29.70 8.18 5.82
N LYS B 121 29.59 7.19 6.70
CA LYS B 121 30.46 7.11 7.85
C LYS B 121 30.56 5.67 8.31
N GLY B 122 31.79 5.24 8.61
CA GLY B 122 32.03 3.94 9.16
C GLY B 122 31.70 3.91 10.64
N PRO B 123 31.32 2.74 11.15
CA PRO B 123 30.87 2.65 12.54
C PRO B 123 32.03 2.58 13.53
N SER B 124 31.72 3.00 14.76
CA SER B 124 32.55 2.64 15.91
C SER B 124 32.03 1.32 16.46
N VAL B 125 32.95 0.49 16.96
CA VAL B 125 32.62 -0.87 17.40
C VAL B 125 32.97 -0.96 18.88
N PHE B 126 31.96 -1.05 19.72
CA PHE B 126 32.19 -1.08 21.15
C PHE B 126 31.86 -2.47 21.70
N PRO B 127 32.58 -2.92 22.74
CA PRO B 127 32.29 -4.23 23.32
C PRO B 127 31.08 -4.22 24.24
N LEU B 128 30.31 -5.30 24.16
CA LEU B 128 29.31 -5.64 25.17
C LEU B 128 29.93 -6.77 25.98
N ALA B 129 30.41 -6.44 27.18
CA ALA B 129 31.28 -7.41 27.85
C ALA B 129 30.47 -8.36 28.73
N PRO B 130 30.87 -9.63 28.77
CA PRO B 130 30.15 -10.60 29.61
C PRO B 130 30.30 -10.29 31.09
N SER B 131 29.32 -10.74 31.86
CA SER B 131 29.26 -10.51 33.29
C SER B 131 29.66 -11.77 34.06
N SER B 132 29.72 -11.63 35.39
CA SER B 132 30.05 -12.76 36.26
C SER B 132 28.88 -13.73 36.38
N GLY B 138 26.51 -20.87 34.06
CA GLY B 138 26.47 -21.73 32.89
C GLY B 138 26.67 -21.00 31.56
N THR B 139 25.73 -20.12 31.21
CA THR B 139 25.73 -19.43 29.93
C THR B 139 26.03 -17.96 30.12
N ALA B 140 26.98 -17.45 29.34
CA ALA B 140 27.32 -16.04 29.32
C ALA B 140 26.89 -15.43 27.99
N ALA B 141 26.60 -14.14 28.01
CA ALA B 141 26.30 -13.38 26.80
C ALA B 141 27.36 -12.30 26.61
N LEU B 142 27.77 -12.10 25.36
CA LEU B 142 28.69 -11.02 25.02
C LEU B 142 28.29 -10.52 23.65
N GLY B 143 28.80 -9.36 23.28
CA GLY B 143 28.35 -8.78 22.03
C GLY B 143 29.21 -7.65 21.56
N CYS B 144 28.77 -7.05 20.46
CA CYS B 144 29.41 -5.87 19.88
C CYS B 144 28.33 -4.87 19.58
N LEU B 145 28.64 -3.60 19.82
CA LEU B 145 27.74 -2.51 19.51
C LEU B 145 28.35 -1.77 18.31
N VAL B 146 27.71 -1.92 17.16
CA VAL B 146 28.18 -1.34 15.90
C VAL B 146 27.41 -0.03 15.74
N LYS B 147 28.03 1.09 16.12
CA LYS B 147 27.30 2.32 16.37
C LYS B 147 27.67 3.41 15.38
N ASP B 148 26.65 4.09 14.86
CA ASP B 148 26.79 5.36 14.16
C ASP B 148 27.46 5.20 12.80
N TYR B 149 26.82 4.46 11.90
CA TYR B 149 27.31 4.27 10.54
C TYR B 149 26.21 4.63 9.56
N PHE B 150 26.58 4.71 8.28
CA PHE B 150 25.68 5.05 7.20
C PHE B 150 26.47 4.99 5.89
N PRO B 151 25.87 4.48 4.80
CA PRO B 151 24.52 3.92 4.75
C PRO B 151 24.50 2.46 5.17
N GLU B 152 23.34 1.82 5.11
CA GLU B 152 23.31 0.38 5.26
C GLU B 152 24.04 -0.28 4.09
N PRO B 153 24.57 -1.50 4.28
CA PRO B 153 24.59 -2.38 5.44
C PRO B 153 25.98 -2.56 6.03
N VAL B 154 26.06 -3.14 7.22
CA VAL B 154 27.29 -3.73 7.71
C VAL B 154 27.12 -5.25 7.74
N THR B 155 28.22 -5.95 7.96
CA THR B 155 28.16 -7.37 8.26
C THR B 155 29.00 -7.62 9.50
N VAL B 156 28.59 -8.62 10.27
CA VAL B 156 29.28 -8.97 11.51
C VAL B 156 29.52 -10.47 11.52
N SER B 157 30.77 -10.86 11.73
CA SER B 157 31.13 -12.24 11.99
C SER B 157 31.75 -12.35 13.37
N TRP B 158 31.91 -13.57 13.84
CA TRP B 158 32.58 -13.83 15.11
C TRP B 158 33.72 -14.81 14.87
N ASN B 159 34.89 -14.48 15.40
CA ASN B 159 36.10 -15.26 15.21
C ASN B 159 36.22 -15.67 13.74
N SER B 160 36.06 -14.67 12.87
CA SER B 160 36.18 -14.83 11.42
C SER B 160 35.36 -16.01 10.90
N GLY B 161 34.19 -16.23 11.49
CA GLY B 161 33.29 -17.28 11.04
C GLY B 161 33.34 -18.54 11.85
N ALA B 162 34.44 -18.79 12.58
CA ALA B 162 34.56 -19.99 13.39
C ALA B 162 33.46 -20.10 14.44
N LEU B 163 32.83 -18.99 14.80
CA LEU B 163 31.75 -18.99 15.80
C LEU B 163 30.47 -18.54 15.11
N THR B 164 29.49 -19.44 15.06
CA THR B 164 28.21 -19.21 14.41
C THR B 164 27.02 -19.63 15.27
N SER B 165 27.17 -20.64 16.12
CA SER B 165 26.10 -21.06 17.01
C SER B 165 25.89 -20.02 18.10
N GLY B 166 24.63 -19.67 18.34
CA GLY B 166 24.26 -18.74 19.39
C GLY B 166 24.29 -17.29 19.01
N VAL B 167 24.52 -16.96 17.75
CA VAL B 167 24.80 -15.59 17.32
C VAL B 167 23.51 -14.92 16.84
N HIS B 168 23.20 -13.76 17.41
CA HIS B 168 22.10 -12.92 16.95
C HIS B 168 22.68 -11.57 16.55
N THR B 169 22.65 -11.25 15.26
CA THR B 169 22.99 -9.92 14.79
C THR B 169 21.68 -9.19 14.50
N PHE B 170 21.36 -8.21 15.31
CA PHE B 170 20.05 -7.59 15.28
C PHE B 170 19.92 -6.64 14.10
N PRO B 171 18.69 -6.43 13.63
CA PRO B 171 18.45 -5.41 12.61
C PRO B 171 18.86 -4.04 13.10
N ALA B 172 19.42 -3.25 12.19
CA ALA B 172 19.86 -1.90 12.53
C ALA B 172 18.65 -1.02 12.85
N VAL B 173 18.81 -0.12 13.81
CA VAL B 173 17.85 0.95 14.05
C VAL B 173 18.42 2.27 13.54
N LEU B 174 17.56 3.09 12.96
CA LEU B 174 17.93 4.42 12.51
C LEU B 174 17.74 5.39 13.67
N GLN B 175 18.81 6.08 14.05
CA GLN B 175 18.78 6.98 15.18
C GLN B 175 18.30 8.37 14.78
N SER B 176 18.03 9.19 15.78
CA SER B 176 17.60 10.56 15.51
C SER B 176 18.62 11.30 14.65
N SER B 177 19.90 10.95 14.78
CA SER B 177 20.96 11.62 14.03
C SER B 177 20.95 11.26 12.56
N GLY B 178 20.13 10.31 12.13
CA GLY B 178 20.20 9.81 10.77
C GLY B 178 21.24 8.74 10.53
N LEU B 179 21.87 8.26 11.59
CA LEU B 179 22.87 7.19 11.49
C LEU B 179 22.30 5.91 12.06
N TYR B 180 22.73 4.78 11.50
CA TYR B 180 22.27 3.47 11.95
C TYR B 180 23.13 2.96 13.11
N SER B 181 22.52 2.15 13.96
CA SER B 181 23.24 1.46 15.01
C SER B 181 22.70 0.04 15.14
N LEU B 182 23.56 -0.87 15.56
CA LEU B 182 23.26 -2.29 15.50
C LEU B 182 24.05 -3.02 16.59
N SER B 183 23.50 -4.12 17.08
CA SER B 183 24.18 -4.99 18.02
C SER B 183 24.29 -6.40 17.47
N SER B 184 25.40 -7.06 17.79
CA SER B 184 25.63 -8.47 17.52
C SER B 184 26.04 -9.12 18.82
N VAL B 185 25.31 -10.16 19.22
CA VAL B 185 25.53 -10.82 20.49
C VAL B 185 25.68 -12.31 20.25
N VAL B 186 26.31 -12.96 21.21
CA VAL B 186 26.48 -14.41 21.20
C VAL B 186 26.43 -14.87 22.64
N THR B 187 25.82 -16.02 22.85
CA THR B 187 25.84 -16.71 24.13
C THR B 187 26.88 -17.82 24.05
N VAL B 188 27.67 -17.96 25.12
CA VAL B 188 28.75 -18.94 25.17
C VAL B 188 28.81 -19.53 26.56
N PRO B 189 29.44 -20.71 26.69
CA PRO B 189 29.63 -21.28 28.03
C PRO B 189 30.48 -20.35 28.87
N SER B 190 29.91 -19.93 30.01
CA SER B 190 30.63 -19.04 30.90
C SER B 190 31.99 -19.60 31.32
N SER B 191 32.18 -20.91 31.24
CA SER B 191 33.46 -21.51 31.59
C SER B 191 34.55 -21.10 30.60
N SER B 192 34.17 -20.81 29.36
CA SER B 192 35.12 -20.49 28.30
C SER B 192 35.56 -19.04 28.31
N LEU B 193 35.02 -18.23 29.23
CA LEU B 193 35.15 -16.78 29.11
C LEU B 193 36.62 -16.37 29.16
N GLY B 194 37.35 -16.84 30.17
CA GLY B 194 38.75 -16.49 30.28
C GLY B 194 39.70 -17.34 29.46
N THR B 195 39.21 -18.43 28.87
CA THR B 195 40.06 -19.32 28.10
C THR B 195 39.90 -19.14 26.59
N GLN B 196 38.70 -18.78 26.12
CA GLN B 196 38.43 -18.64 24.70
C GLN B 196 38.37 -17.17 24.31
N THR B 197 38.99 -16.83 23.19
CA THR B 197 39.02 -15.47 22.69
C THR B 197 37.86 -15.23 21.73
N TYR B 198 37.11 -14.16 21.96
CA TYR B 198 35.95 -13.81 21.14
C TYR B 198 36.19 -12.46 20.49
N ILE B 199 36.16 -12.44 19.16
CA ILE B 199 36.37 -11.23 18.38
C ILE B 199 35.21 -11.09 17.41
N CYS B 200 34.64 -9.90 17.34
CA CYS B 200 33.65 -9.64 16.31
C CYS B 200 34.34 -8.91 15.17
N ASN B 201 33.97 -9.27 13.94
CA ASN B 201 34.59 -8.79 12.71
C ASN B 201 33.51 -8.01 11.99
N VAL B 202 33.67 -6.69 11.94
CA VAL B 202 32.67 -5.79 11.39
C VAL B 202 33.18 -5.26 10.05
N ASN B 203 32.32 -5.30 9.05
CA ASN B 203 32.65 -4.85 7.70
C ASN B 203 31.58 -3.88 7.23
N HIS B 204 31.99 -2.68 6.82
CA HIS B 204 31.08 -1.66 6.30
C HIS B 204 31.66 -1.19 4.97
N LYS B 205 31.28 -1.89 3.90
CA LYS B 205 31.88 -1.64 2.60
C LYS B 205 31.77 -0.18 2.17
N PRO B 206 30.64 0.51 2.36
CA PRO B 206 30.52 1.88 1.84
C PRO B 206 31.63 2.83 2.29
N SER B 207 32.23 2.61 3.45
CA SER B 207 33.31 3.45 3.92
C SER B 207 34.64 2.71 3.98
N ASN B 208 34.70 1.50 3.42
CA ASN B 208 35.94 0.71 3.41
C ASN B 208 36.46 0.49 4.82
N THR B 209 35.55 0.29 5.76
CA THR B 209 35.89 0.06 7.15
C THR B 209 35.86 -1.43 7.44
N LYS B 210 36.93 -1.93 8.05
CA LYS B 210 36.99 -3.29 8.58
C LYS B 210 37.54 -3.21 10.00
N VAL B 211 36.76 -3.68 10.96
CA VAL B 211 37.14 -3.57 12.37
C VAL B 211 37.00 -4.94 13.03
N ASP B 212 37.98 -5.28 13.86
CA ASP B 212 37.96 -6.50 14.65
C ASP B 212 38.09 -6.11 16.11
N LYS B 213 37.03 -6.27 16.88
CA LYS B 213 37.06 -5.94 18.30
C LYS B 213 37.09 -7.23 19.12
N LYS B 214 38.11 -7.34 19.96
CA LYS B 214 38.17 -8.38 20.97
C LYS B 214 37.29 -7.97 22.13
N VAL B 215 36.38 -8.86 22.55
CA VAL B 215 35.50 -8.63 23.69
C VAL B 215 35.98 -9.52 24.82
N GLU B 216 36.17 -8.95 26.00
CA GLU B 216 36.65 -9.70 27.14
C GLU B 216 35.96 -9.19 28.39
N PRO B 217 35.92 -9.99 29.45
CA PRO B 217 35.27 -9.55 30.70
C PRO B 217 36.02 -8.39 31.32
N LYS B 218 35.29 -7.61 32.13
CA LYS B 218 35.83 -6.41 32.73
C LYS B 218 36.41 -6.73 34.10
N SER B 219 37.62 -6.23 34.34
CA SER B 219 38.35 -6.48 35.60
C SER B 219 37.53 -6.05 36.82
N ASP C 1 -9.93 9.61 2.86
CA ASP C 1 -9.50 8.28 2.47
C ASP C 1 -10.32 7.21 3.19
N ILE C 2 -10.06 5.95 2.84
CA ILE C 2 -10.62 4.80 3.52
C ILE C 2 -9.47 4.08 4.21
N GLN C 3 -9.60 3.85 5.51
CA GLN C 3 -8.55 3.21 6.29
C GLN C 3 -8.89 1.75 6.52
N MET C 4 -7.95 0.87 6.19
CA MET C 4 -8.12 -0.56 6.32
C MET C 4 -7.33 -1.05 7.53
N THR C 5 -8.02 -1.72 8.46
CA THR C 5 -7.40 -2.23 9.67
C THR C 5 -7.37 -3.75 9.63
N GLN C 6 -6.20 -4.31 9.91
CA GLN C 6 -6.05 -5.75 10.11
C GLN C 6 -5.63 -6.01 11.55
N PRO C 7 -5.59 -7.26 11.99
CA PRO C 7 -5.15 -7.54 13.35
C PRO C 7 -3.64 -7.44 13.48
N PRO C 8 -3.12 -7.25 14.69
CA PRO C 8 -1.67 -7.08 14.86
C PRO C 8 -0.92 -8.38 14.67
N SER C 9 0.36 -8.24 14.36
CA SER C 9 1.21 -9.39 14.13
C SER C 9 2.03 -9.73 15.35
N PRO C 10 2.50 -10.99 15.45
CA PRO C 10 2.18 -11.97 14.41
C PRO C 10 0.94 -12.81 14.71
N LEU C 11 0.58 -13.65 13.75
CA LEU C 11 -0.38 -14.74 13.94
C LEU C 11 0.39 -16.05 13.90
N PHE C 12 0.22 -16.86 14.95
CA PHE C 12 0.97 -18.11 15.08
C PHE C 12 0.08 -19.28 14.71
N ALA C 13 0.56 -20.11 13.78
CA ALA C 13 -0.16 -21.27 13.32
C ALA C 13 0.84 -22.36 12.98
N SER C 14 0.33 -23.59 12.87
CA SER C 14 1.14 -24.70 12.40
C SER C 14 0.61 -25.22 11.07
N VAL C 15 1.49 -25.90 10.33
CA VAL C 15 1.10 -26.62 9.13
C VAL C 15 -0.12 -27.46 9.45
N GLY C 16 -1.20 -27.26 8.71
CA GLY C 16 -2.45 -27.97 8.89
C GLY C 16 -3.54 -27.17 9.59
N ASP C 17 -3.19 -26.06 10.22
CA ASP C 17 -4.18 -25.26 10.92
C ASP C 17 -5.11 -24.55 9.92
N ARG C 18 -6.22 -24.06 10.45
CA ARG C 18 -7.13 -23.19 9.73
C ARG C 18 -6.90 -21.78 10.25
N VAL C 19 -6.53 -20.87 9.35
CA VAL C 19 -6.17 -19.51 9.72
C VAL C 19 -7.17 -18.55 9.08
N THR C 20 -7.64 -17.59 9.87
CA THR C 20 -8.50 -16.52 9.38
C THR C 20 -7.84 -15.18 9.70
N ILE C 21 -7.74 -14.33 8.68
CA ILE C 21 -7.26 -12.97 8.85
C ILE C 21 -8.40 -12.03 8.49
N THR C 22 -8.75 -11.17 9.43
CA THR C 22 -9.81 -10.19 9.23
C THR C 22 -9.28 -8.89 8.62
N CYS C 23 -10.20 -8.06 8.15
CA CYS C 23 -9.94 -6.75 7.59
C CYS C 23 -11.16 -5.89 7.86
N ARG C 24 -10.95 -4.65 8.29
CA ARG C 24 -12.05 -3.75 8.63
C ARG C 24 -11.90 -2.44 7.87
N ALA C 25 -12.83 -2.17 6.97
CA ALA C 25 -12.86 -0.90 6.26
C ALA C 25 -13.57 0.14 7.11
N SER C 26 -13.05 1.37 7.09
CA SER C 26 -13.62 2.47 7.86
C SER C 26 -14.95 2.96 7.28
N GLN C 27 -15.34 2.45 6.11
CA GLN C 27 -16.65 2.74 5.53
C GLN C 27 -16.94 1.64 4.54
N SER C 28 -18.18 1.59 4.07
CA SER C 28 -18.59 0.51 3.20
C SER C 28 -17.87 0.60 1.85
N ILE C 29 -17.25 -0.50 1.45
CA ILE C 29 -16.59 -0.60 0.16
C ILE C 29 -17.28 -1.70 -0.65
N SER C 30 -18.55 -1.95 -0.32
CA SER C 30 -19.32 -3.06 -0.89
C SER C 30 -18.47 -4.33 -0.85
N SER C 31 -18.06 -4.84 -2.02
CA SER C 31 -17.26 -6.06 -2.06
C SER C 31 -15.93 -5.86 -2.78
N TRP C 32 -15.53 -4.59 -2.98
CA TRP C 32 -14.31 -4.27 -3.72
C TRP C 32 -13.10 -4.39 -2.79
N LEU C 33 -12.73 -5.63 -2.50
CA LEU C 33 -11.64 -5.94 -1.60
C LEU C 33 -10.69 -6.94 -2.24
N ALA C 34 -9.39 -6.75 -2.04
CA ALA C 34 -8.38 -7.64 -2.56
C ALA C 34 -7.48 -8.11 -1.42
N TRP C 35 -6.86 -9.27 -1.63
CA TRP C 35 -5.91 -9.85 -0.69
C TRP C 35 -4.60 -10.12 -1.40
N TYR C 36 -3.50 -9.70 -0.78
CA TYR C 36 -2.18 -9.97 -1.32
C TYR C 36 -1.37 -10.75 -0.30
N GLN C 37 -0.39 -11.49 -0.80
CA GLN C 37 0.56 -12.25 0.03
C GLN C 37 1.96 -11.77 -0.29
N GLN C 38 2.77 -11.53 0.75
CA GLN C 38 4.13 -11.08 0.54
C GLN C 38 5.08 -11.81 1.48
N LYS C 39 6.11 -12.46 0.90
CA LYS C 39 7.27 -13.02 1.58
C LYS C 39 8.36 -11.96 1.72
N PRO C 40 9.20 -12.05 2.73
CA PRO C 40 10.24 -11.01 2.91
C PRO C 40 11.21 -11.01 1.74
N GLY C 41 11.58 -9.82 1.30
CA GLY C 41 12.46 -9.67 0.15
C GLY C 41 11.80 -9.87 -1.19
N LYS C 42 10.51 -10.21 -1.22
CA LYS C 42 9.79 -10.46 -2.46
C LYS C 42 8.61 -9.49 -2.58
N ALA C 43 8.16 -9.29 -3.80
CA ALA C 43 7.04 -8.39 -4.03
C ALA C 43 5.72 -9.09 -3.69
N PRO C 44 4.67 -8.32 -3.45
CA PRO C 44 3.37 -8.93 -3.19
C PRO C 44 2.89 -9.72 -4.39
N LYS C 45 1.96 -10.64 -4.14
CA LYS C 45 1.25 -11.30 -5.22
C LYS C 45 -0.21 -11.42 -4.84
N LEU C 46 -1.08 -11.25 -5.84
CA LEU C 46 -2.51 -11.15 -5.63
C LEU C 46 -3.12 -12.53 -5.41
N LEU C 47 -4.03 -12.61 -4.44
CA LEU C 47 -4.70 -13.86 -4.08
C LEU C 47 -6.21 -13.83 -4.31
N ILE C 48 -6.88 -12.75 -3.92
CA ILE C 48 -8.33 -12.69 -3.91
C ILE C 48 -8.76 -11.30 -4.37
N TYR C 49 -9.67 -11.26 -5.36
CA TYR C 49 -10.28 -10.00 -5.77
C TYR C 49 -11.80 -10.12 -5.65
N LYS C 50 -12.47 -8.97 -5.72
CA LYS C 50 -13.90 -8.90 -5.46
C LYS C 50 -14.27 -9.65 -4.19
N ALA C 51 -13.33 -9.70 -3.23
CA ALA C 51 -13.59 -10.19 -1.88
C ALA C 51 -13.53 -11.71 -1.77
N SER C 52 -13.92 -12.44 -2.81
CA SER C 52 -14.07 -13.88 -2.67
C SER C 52 -13.66 -14.69 -3.89
N SER C 53 -13.18 -14.07 -4.96
CA SER C 53 -12.83 -14.79 -6.18
C SER C 53 -11.34 -15.10 -6.19
N LEU C 54 -11.01 -16.39 -6.20
CA LEU C 54 -9.62 -16.81 -6.18
C LEU C 54 -8.91 -16.35 -7.43
N GLU C 55 -7.78 -15.66 -7.26
CA GLU C 55 -6.94 -15.35 -8.41
C GLU C 55 -6.49 -16.62 -9.09
N SER C 56 -6.49 -16.60 -10.42
CA SER C 56 -6.10 -17.77 -11.18
C SER C 56 -4.68 -18.17 -10.84
N GLY C 57 -4.50 -19.39 -10.32
CA GLY C 57 -3.19 -19.86 -9.91
C GLY C 57 -3.13 -20.16 -8.43
N VAL C 58 -3.78 -19.32 -7.62
CA VAL C 58 -3.71 -19.45 -6.17
C VAL C 58 -4.32 -20.78 -5.73
N PRO C 59 -3.66 -21.53 -4.85
CA PRO C 59 -4.23 -22.82 -4.40
C PRO C 59 -5.61 -22.64 -3.78
N SER C 60 -6.40 -23.71 -3.85
CA SER C 60 -7.79 -23.67 -3.41
C SER C 60 -7.94 -23.56 -1.89
N ARG C 61 -6.88 -23.80 -1.12
CA ARG C 61 -6.99 -23.64 0.32
C ARG C 61 -7.23 -22.19 0.72
N PHE C 62 -6.93 -21.25 -0.17
CA PHE C 62 -7.21 -19.83 0.07
C PHE C 62 -8.65 -19.51 -0.29
N SER C 63 -9.32 -18.77 0.60
CA SER C 63 -10.70 -18.36 0.36
C SER C 63 -10.95 -17.01 1.00
N GLY C 64 -11.85 -16.23 0.39
CA GLY C 64 -12.22 -14.93 0.89
C GLY C 64 -13.71 -14.80 1.11
N SER C 65 -14.08 -13.92 2.05
CA SER C 65 -15.48 -13.71 2.42
C SER C 65 -15.64 -12.30 2.94
N GLY C 66 -16.87 -11.81 2.90
CA GLY C 66 -17.23 -10.56 3.54
C GLY C 66 -17.81 -9.54 2.57
N SER C 67 -18.29 -8.45 3.15
CA SER C 67 -18.87 -7.34 2.39
C SER C 67 -19.00 -6.15 3.33
N GLU C 68 -19.28 -4.99 2.73
CA GLU C 68 -19.47 -3.76 3.49
C GLU C 68 -18.19 -3.33 4.21
N THR C 69 -18.06 -3.67 5.50
CA THR C 69 -16.93 -3.17 6.29
C THR C 69 -16.10 -4.26 6.97
N GLU C 70 -16.45 -5.54 6.80
CA GLU C 70 -15.69 -6.60 7.44
C GLU C 70 -15.43 -7.73 6.45
N PHE C 71 -14.19 -8.19 6.38
CA PHE C 71 -13.78 -9.19 5.40
C PHE C 71 -12.83 -10.19 6.06
N THR C 72 -12.61 -11.30 5.37
CA THR C 72 -11.91 -12.44 5.96
C THR C 72 -11.15 -13.17 4.88
N LEU C 73 -9.86 -13.40 5.14
CA LEU C 73 -9.07 -14.35 4.37
C LEU C 73 -8.97 -15.64 5.17
N THR C 74 -9.00 -16.76 4.47
CA THR C 74 -9.04 -18.07 5.11
C THR C 74 -8.14 -19.05 4.38
N ILE C 75 -7.25 -19.70 5.12
CA ILE C 75 -6.44 -20.80 4.61
C ILE C 75 -6.94 -22.06 5.30
N SER C 76 -7.64 -22.92 4.54
CA SER C 76 -8.28 -24.08 5.14
C SER C 76 -7.28 -24.92 5.93
N SER C 77 -6.20 -25.35 5.28
CA SER C 77 -5.12 -26.07 5.94
C SER C 77 -3.81 -25.40 5.53
N LEU C 78 -3.19 -24.70 6.48
CA LEU C 78 -1.98 -23.94 6.20
C LEU C 78 -0.84 -24.85 5.75
N GLN C 79 -0.19 -24.47 4.66
CA GLN C 79 0.94 -25.20 4.13
C GLN C 79 2.24 -24.56 4.59
N PRO C 80 3.38 -25.23 4.37
CA PRO C 80 4.66 -24.63 4.76
C PRO C 80 4.97 -23.32 4.08
N ASP C 81 4.60 -23.17 2.80
CA ASP C 81 4.90 -21.97 2.04
C ASP C 81 3.86 -20.86 2.20
N ASP C 82 2.94 -20.99 3.16
CA ASP C 82 1.93 -19.97 3.42
C ASP C 82 2.32 -19.07 4.59
N PHE C 83 3.52 -19.22 5.12
CA PHE C 83 4.02 -18.31 6.14
C PHE C 83 4.51 -17.06 5.44
N ALA C 84 3.80 -15.96 5.65
CA ALA C 84 4.06 -14.73 4.91
C ALA C 84 3.23 -13.62 5.56
N THR C 85 3.20 -12.46 4.92
CA THR C 85 2.38 -11.34 5.31
C THR C 85 1.21 -11.22 4.33
N TYR C 86 0.03 -10.88 4.86
CA TYR C 86 -1.17 -10.78 4.05
C TYR C 86 -1.76 -9.39 4.24
N TYR C 87 -1.93 -8.67 3.14
CA TYR C 87 -2.54 -7.34 3.15
C TYR C 87 -3.92 -7.40 2.51
N CYS C 88 -4.87 -6.69 3.08
CA CYS C 88 -6.09 -6.40 2.33
C CYS C 88 -5.95 -5.05 1.66
N GLN C 89 -6.82 -4.81 0.68
CA GLN C 89 -6.76 -3.58 -0.10
C GLN C 89 -8.11 -3.34 -0.73
N GLN C 90 -8.72 -2.20 -0.42
CA GLN C 90 -9.93 -1.79 -1.11
C GLN C 90 -9.54 -1.13 -2.43
N TYR C 91 -10.11 -1.62 -3.52
CA TYR C 91 -9.87 -1.02 -4.83
C TYR C 91 -11.21 -0.56 -5.41
N ASN C 92 -11.16 -0.09 -6.65
CA ASN C 92 -12.35 0.44 -7.34
C ASN C 92 -12.93 1.66 -6.63
N SER C 93 -12.08 2.45 -5.99
CA SER C 93 -12.45 3.78 -5.53
C SER C 93 -11.45 4.78 -6.11
N TYR C 94 -11.65 6.06 -5.81
CA TYR C 94 -10.79 7.07 -6.42
C TYR C 94 -9.35 6.96 -5.95
N PHE C 95 -9.09 6.36 -4.79
CA PHE C 95 -7.72 6.18 -4.30
C PHE C 95 -7.63 4.89 -3.49
N PRO C 96 -6.80 3.93 -3.92
CA PRO C 96 -6.73 2.66 -3.21
C PRO C 96 -5.89 2.76 -1.94
N THR C 97 -6.20 1.88 -0.97
CA THR C 97 -5.47 1.85 0.28
C THR C 97 -5.39 0.41 0.77
N PHE C 98 -4.30 0.12 1.47
CA PHE C 98 -4.04 -1.20 2.02
C PHE C 98 -4.15 -1.19 3.53
N GLY C 99 -4.47 -2.34 4.10
CA GLY C 99 -4.26 -2.54 5.52
C GLY C 99 -2.79 -2.63 5.84
N GLN C 100 -2.48 -2.56 7.13
CA GLN C 100 -1.08 -2.56 7.56
C GLN C 100 -0.43 -3.92 7.42
N GLY C 101 -1.21 -4.98 7.23
CA GLY C 101 -0.67 -6.30 7.01
C GLY C 101 -0.69 -7.14 8.28
N THR C 102 -0.82 -8.46 8.09
CA THR C 102 -0.76 -9.43 9.17
C THR C 102 0.22 -10.52 8.77
N LYS C 103 1.23 -10.75 9.61
CA LYS C 103 2.25 -11.74 9.35
C LYS C 103 1.92 -13.00 10.11
N VAL C 104 1.98 -14.14 9.43
CA VAL C 104 1.70 -15.45 10.00
C VAL C 104 3.04 -16.16 10.16
N GLU C 105 3.49 -16.31 11.40
CA GLU C 105 4.75 -16.95 11.72
C GLU C 105 4.49 -18.26 12.47
N ILE C 106 5.56 -19.04 12.65
CA ILE C 106 5.44 -20.43 13.08
C ILE C 106 5.06 -20.53 14.55
N LYS C 107 4.26 -21.55 14.89
CA LYS C 107 3.79 -21.76 16.25
C LYS C 107 4.68 -22.77 16.98
N ARG C 108 4.95 -22.50 18.25
CA ARG C 108 5.82 -23.33 19.08
C ARG C 108 5.33 -23.20 20.53
N THR C 109 6.00 -23.90 21.43
CA THR C 109 5.69 -23.78 22.85
C THR C 109 6.26 -22.48 23.42
N VAL C 110 5.62 -21.97 24.48
CA VAL C 110 6.08 -20.75 25.12
C VAL C 110 7.49 -20.96 25.67
N ALA C 111 8.36 -19.98 25.44
CA ALA C 111 9.75 -20.02 25.91
C ALA C 111 10.11 -18.66 26.49
N ALA C 112 10.58 -18.66 27.73
CA ALA C 112 10.90 -17.41 28.40
C ALA C 112 12.30 -16.95 28.01
N PRO C 113 12.50 -15.63 27.94
CA PRO C 113 13.81 -15.12 27.54
C PRO C 113 14.83 -15.21 28.66
N SER C 114 16.10 -15.33 28.26
CA SER C 114 17.21 -15.05 29.16
C SER C 114 17.59 -13.59 28.97
N VAL C 115 17.77 -12.87 30.07
CA VAL C 115 17.91 -11.41 30.06
C VAL C 115 19.32 -11.04 30.50
N PHE C 116 19.97 -10.17 29.72
CA PHE C 116 21.31 -9.67 30.01
C PHE C 116 21.33 -8.16 29.85
N ILE C 117 21.98 -7.48 30.79
CA ILE C 117 22.20 -6.04 30.68
C ILE C 117 23.69 -5.81 30.48
N PHE C 118 24.02 -4.83 29.63
CA PHE C 118 25.40 -4.51 29.29
C PHE C 118 25.66 -3.03 29.58
N PRO C 119 26.61 -2.70 30.43
CA PRO C 119 26.94 -1.30 30.69
C PRO C 119 27.65 -0.68 29.50
N PRO C 120 27.77 0.64 29.46
CA PRO C 120 28.58 1.27 28.42
C PRO C 120 30.04 0.87 28.57
N SER C 121 30.73 0.70 27.45
CA SER C 121 32.15 0.41 27.47
C SER C 121 32.95 1.68 27.76
N ASP C 122 34.10 1.50 28.43
CA ASP C 122 34.97 2.64 28.67
C ASP C 122 35.40 3.29 27.36
N GLU C 123 35.59 2.49 26.31
CA GLU C 123 35.86 3.06 25.00
C GLU C 123 34.80 4.08 24.63
N GLN C 124 33.52 3.71 24.74
CA GLN C 124 32.45 4.60 24.30
C GLN C 124 32.36 5.84 25.19
N LEU C 125 32.48 5.67 26.50
CA LEU C 125 32.34 6.83 27.40
C LEU C 125 33.35 7.92 27.06
N LYS C 126 34.59 7.53 26.76
CA LYS C 126 35.59 8.51 26.37
C LYS C 126 35.12 9.36 25.20
N SER C 127 34.28 8.81 24.32
CA SER C 127 33.78 9.53 23.16
C SER C 127 32.59 10.42 23.49
N GLY C 128 32.01 10.34 24.68
CA GLY C 128 31.01 11.29 25.12
C GLY C 128 29.60 10.76 25.23
N THR C 129 29.33 9.55 24.78
CA THR C 129 27.99 8.98 24.85
C THR C 129 28.02 7.69 25.66
N ALA C 130 26.85 7.28 26.14
CA ALA C 130 26.69 6.03 26.89
C ALA C 130 25.49 5.29 26.35
N SER C 131 25.72 4.07 25.88
CA SER C 131 24.66 3.17 25.41
C SER C 131 24.57 2.01 26.38
N VAL C 132 23.42 1.87 27.03
CA VAL C 132 23.12 0.71 27.86
C VAL C 132 22.26 -0.24 27.03
N VAL C 133 22.64 -1.52 27.01
CA VAL C 133 22.00 -2.51 26.16
C VAL C 133 21.46 -3.63 27.05
N CYS C 134 20.25 -4.06 26.72
CA CYS C 134 19.51 -5.09 27.42
C CYS C 134 19.11 -6.12 26.37
N LEU C 135 19.57 -7.35 26.53
CA LEU C 135 19.30 -8.43 25.58
C LEU C 135 18.24 -9.39 26.12
N LEU C 136 17.23 -9.70 25.30
CA LEU C 136 16.25 -10.74 25.58
C LEU C 136 16.49 -11.83 24.55
N ASN C 137 16.96 -12.99 25.01
CA ASN C 137 17.43 -14.04 24.12
C ASN C 137 16.43 -15.19 24.05
N ASN C 138 16.10 -15.58 22.81
CA ASN C 138 15.36 -16.81 22.51
C ASN C 138 14.09 -16.95 23.36
N PHE C 139 13.09 -16.14 23.00
CA PHE C 139 11.80 -16.19 23.66
C PHE C 139 10.70 -16.41 22.64
N TYR C 140 9.55 -16.83 23.15
CA TYR C 140 8.32 -17.03 22.39
C TYR C 140 7.15 -16.95 23.36
N PRO C 141 6.06 -16.22 23.02
CA PRO C 141 5.83 -15.56 21.73
C PRO C 141 6.52 -14.19 21.59
N ARG C 142 6.12 -13.45 20.55
N ARG C 142 6.14 -13.44 20.55
CA ARG C 142 6.85 -12.24 20.16
CA ARG C 142 6.88 -12.24 20.19
C ARG C 142 6.69 -11.11 21.17
C ARG C 142 6.71 -11.12 21.20
N GLU C 143 5.53 -11.01 21.82
CA GLU C 143 5.27 -9.88 22.69
C GLU C 143 6.14 -9.90 23.93
N ALA C 144 6.75 -8.76 24.25
CA ALA C 144 7.64 -8.62 25.39
C ALA C 144 7.78 -7.14 25.74
N LYS C 145 7.72 -6.83 27.03
CA LYS C 145 7.84 -5.46 27.51
C LYS C 145 9.20 -5.28 28.18
N VAL C 146 9.97 -4.30 27.69
CA VAL C 146 11.28 -3.97 28.25
C VAL C 146 11.16 -2.56 28.82
N GLN C 147 11.22 -2.46 30.14
CA GLN C 147 11.10 -1.18 30.82
C GLN C 147 12.46 -0.80 31.39
N TRP C 148 13.02 0.31 30.91
CA TRP C 148 14.24 0.82 31.49
C TRP C 148 13.94 1.59 32.76
N LYS C 149 14.87 1.53 33.71
CA LYS C 149 14.75 2.23 34.98
C LYS C 149 16.12 2.78 35.36
N VAL C 150 16.19 4.07 35.66
CA VAL C 150 17.41 4.73 36.08
C VAL C 150 17.16 5.31 37.47
N ASP C 151 18.00 4.91 38.44
CA ASP C 151 17.76 5.20 39.85
C ASP C 151 16.27 5.05 40.16
N ASN C 152 15.65 4.00 39.61
CA ASN C 152 14.27 3.60 39.86
C ASN C 152 13.24 4.46 39.16
N ALA C 153 13.63 5.39 38.30
CA ALA C 153 12.69 6.17 37.51
C ALA C 153 12.50 5.53 36.15
N LEU C 154 11.25 5.21 35.80
CA LEU C 154 10.96 4.58 34.52
C LEU C 154 11.30 5.50 33.36
N GLN C 155 12.12 5.01 32.43
CA GLN C 155 12.65 5.81 31.31
C GLN C 155 11.83 5.59 30.06
N SER C 156 11.35 6.67 29.47
CA SER C 156 10.57 6.61 28.24
C SER C 156 11.10 7.65 27.27
N GLY C 157 11.34 7.25 26.03
CA GLY C 157 11.73 8.18 24.97
C GLY C 157 13.21 8.26 24.65
N ASN C 158 14.06 7.44 25.29
CA ASN C 158 15.49 7.44 25.04
C ASN C 158 16.03 6.03 24.84
N SER C 159 15.18 5.11 24.40
CA SER C 159 15.59 3.74 24.09
C SER C 159 15.03 3.33 22.74
N GLN C 160 15.73 2.41 22.08
CA GLN C 160 15.27 1.84 20.82
C GLN C 160 15.43 0.32 20.86
N GLU C 161 14.56 -0.35 20.10
CA GLU C 161 14.44 -1.80 20.14
C GLU C 161 14.58 -2.37 18.75
N SER C 162 15.08 -3.60 18.69
CA SER C 162 15.22 -4.32 17.44
C SER C 162 15.03 -5.80 17.75
N VAL C 163 14.25 -6.49 16.93
CA VAL C 163 13.93 -7.89 17.14
C VAL C 163 14.43 -8.70 15.96
N THR C 164 14.96 -9.88 16.24
CA THR C 164 15.38 -10.78 15.17
C THR C 164 14.16 -11.39 14.49
N GLU C 165 14.38 -11.89 13.27
CA GLU C 165 13.35 -12.68 12.64
C GLU C 165 13.24 -14.04 13.32
N GLN C 166 12.04 -14.60 13.32
CA GLN C 166 11.81 -15.86 14.01
C GLN C 166 12.86 -16.90 13.62
N ASP C 167 13.47 -17.52 14.61
CA ASP C 167 14.58 -18.44 14.37
C ASP C 167 14.11 -19.67 13.63
N SER C 168 14.93 -20.13 12.69
CA SER C 168 14.55 -21.28 11.88
C SER C 168 14.78 -22.61 12.57
N LYS C 169 15.66 -22.65 13.58
CA LYS C 169 15.95 -23.88 14.32
C LYS C 169 14.98 -24.12 15.45
N ASP C 170 14.57 -23.05 16.15
CA ASP C 170 13.68 -23.18 17.29
C ASP C 170 12.53 -22.19 17.28
N SER C 171 12.38 -21.38 16.22
CA SER C 171 11.24 -20.47 16.06
C SER C 171 11.08 -19.52 17.25
N THR C 172 12.19 -19.09 17.84
CA THR C 172 12.14 -18.08 18.90
C THR C 172 12.52 -16.71 18.35
N TYR C 173 12.33 -15.70 19.18
CA TYR C 173 12.79 -14.35 18.90
C TYR C 173 13.86 -13.94 19.90
N SER C 174 14.67 -12.98 19.49
CA SER C 174 15.55 -12.29 20.41
C SER C 174 15.35 -10.79 20.23
N LEU C 175 15.56 -10.05 21.31
CA LEU C 175 15.28 -8.62 21.32
C LEU C 175 16.46 -7.86 21.93
N SER C 176 16.88 -6.82 21.25
CA SER C 176 17.91 -5.91 21.76
C SER C 176 17.28 -4.54 21.94
N SER C 177 17.48 -3.93 23.11
CA SER C 177 16.99 -2.59 23.39
C SER C 177 18.15 -1.76 23.93
N THR C 178 18.42 -0.63 23.28
CA THR C 178 19.52 0.25 23.66
C THR C 178 18.94 1.51 24.30
N LEU C 179 19.39 1.81 25.50
CA LEU C 179 19.11 3.07 26.17
C LEU C 179 20.30 3.99 25.94
N THR C 180 20.05 5.18 25.41
CA THR C 180 21.12 6.09 25.04
C THR C 180 21.09 7.34 25.92
N LEU C 181 22.23 7.66 26.52
CA LEU C 181 22.39 8.82 27.39
C LEU C 181 23.65 9.57 26.99
N SER C 182 23.64 10.87 27.22
CA SER C 182 24.90 11.60 27.27
C SER C 182 25.76 11.01 28.38
N LYS C 183 27.08 11.07 28.19
CA LYS C 183 27.98 10.61 29.24
C LYS C 183 27.79 11.40 30.52
N ALA C 184 27.55 12.70 30.41
CA ALA C 184 27.40 13.54 31.59
C ALA C 184 26.19 13.11 32.42
N ASP C 185 25.08 12.79 31.77
CA ASP C 185 23.91 12.30 32.50
C ASP C 185 24.05 10.84 32.89
N TYR C 186 24.81 10.05 32.12
CA TYR C 186 25.09 8.69 32.52
C TYR C 186 25.67 8.64 33.93
N GLU C 187 26.52 9.60 34.27
CA GLU C 187 27.20 9.58 35.56
C GLU C 187 26.49 10.42 36.61
N LYS C 188 25.37 11.04 36.27
CA LYS C 188 24.51 11.63 37.29
C LYS C 188 23.62 10.59 37.99
N HIS C 189 23.78 9.31 37.67
CA HIS C 189 22.88 8.27 38.15
C HIS C 189 23.65 7.00 38.47
N LYS C 190 23.11 6.20 39.36
CA LYS C 190 23.80 5.04 39.91
C LYS C 190 23.23 3.71 39.40
N VAL C 191 21.94 3.47 39.57
CA VAL C 191 21.34 2.16 39.30
C VAL C 191 20.69 2.16 37.92
N TYR C 192 21.18 1.31 37.03
CA TYR C 192 20.61 1.11 35.70
C TYR C 192 20.05 -0.30 35.61
N ALA C 193 18.80 -0.43 35.16
CA ALA C 193 18.15 -1.72 35.14
C ALA C 193 17.15 -1.79 33.98
N CYS C 194 16.99 -2.98 33.43
CA CYS C 194 15.88 -3.23 32.52
C CYS C 194 15.00 -4.34 33.10
N GLU C 195 13.70 -4.12 33.03
CA GLU C 195 12.69 -5.00 33.61
C GLU C 195 11.92 -5.63 32.46
N VAL C 196 12.00 -6.95 32.36
CA VAL C 196 11.47 -7.69 31.22
C VAL C 196 10.18 -8.37 31.65
N THR C 197 9.11 -8.07 30.92
CA THR C 197 7.81 -8.71 31.12
C THR C 197 7.50 -9.57 29.90
N HIS C 198 7.14 -10.82 30.15
CA HIS C 198 6.89 -11.80 29.10
C HIS C 198 6.09 -12.95 29.69
N GLN C 199 5.23 -13.55 28.87
CA GLN C 199 4.32 -14.55 29.41
C GLN C 199 5.03 -15.85 29.78
N GLY C 200 6.30 -16.02 29.42
CA GLY C 200 7.07 -17.14 29.89
C GLY C 200 7.68 -16.93 31.27
N LEU C 201 7.50 -15.75 31.85
CA LEU C 201 8.02 -15.42 33.18
C LEU C 201 6.87 -15.29 34.18
N SER C 202 7.06 -15.87 35.36
CA SER C 202 6.05 -15.75 36.40
C SER C 202 5.92 -14.31 36.87
N SER C 203 7.04 -13.64 37.10
CA SER C 203 7.11 -12.25 37.48
C SER C 203 8.10 -11.55 36.58
N PRO C 204 8.01 -10.21 36.47
CA PRO C 204 8.99 -9.49 35.64
C PRO C 204 10.41 -9.70 36.15
N VAL C 205 11.28 -10.15 35.25
CA VAL C 205 12.69 -10.35 35.56
C VAL C 205 13.43 -9.02 35.35
N THR C 206 14.25 -8.65 36.33
CA THR C 206 15.02 -7.43 36.25
C THR C 206 16.51 -7.76 36.31
N LYS C 207 17.27 -7.17 35.40
CA LYS C 207 18.73 -7.22 35.44
C LYS C 207 19.25 -5.80 35.58
N SER C 208 20.26 -5.62 36.43
CA SER C 208 20.71 -4.28 36.76
C SER C 208 22.19 -4.30 37.10
N PHE C 209 22.79 -3.10 37.05
CA PHE C 209 24.14 -2.89 37.54
C PHE C 209 24.21 -1.49 38.15
N ASN C 210 25.20 -1.30 39.03
CA ASN C 210 25.49 0.01 39.60
C ASN C 210 26.65 0.61 38.84
N ARG C 211 26.45 1.81 38.30
CA ARG C 211 27.49 2.44 37.49
C ARG C 211 28.80 2.50 38.26
N GLY C 212 29.88 2.10 37.58
CA GLY C 212 31.21 2.17 38.13
C GLY C 212 31.60 1.02 39.04
N GLU C 213 30.64 0.29 39.59
CA GLU C 213 30.93 -0.74 40.58
C GLU C 213 31.09 -2.08 39.89
N CYS C 214 32.27 -2.68 40.04
CA CYS C 214 32.62 -3.95 39.43
C CYS C 214 31.62 -5.05 39.81
#